data_4Z35
#
_entry.id   4Z35
#
_cell.length_a   34.610
_cell.length_b   112.400
_cell.length_c   155.670
_cell.angle_alpha   90.00
_cell.angle_beta   90.00
_cell.angle_gamma   90.00
#
_symmetry.space_group_name_H-M   'P 21 21 21'
#
loop_
_entity.id
_entity.type
_entity.pdbx_description
1 polymer 'Lysophosphatidic acid receptor 1,Soluble cytochrome b562'
2 non-polymer '3-{1-[(2S,3S)-3-(4-acetyl-3,5-dimethoxyphenyl)-2-(2,3-dihydro-1H-inden-2-ylmethyl)-3-hydroxypropyl]-4-(methoxycarbonyl)-1H-pyrrol-3-yl}propanoic acid'
3 non-polymer '(2S)-2,3-dihydroxypropyl (7Z)-tetradec-7-enoate'
4 water water
#
_entity_poly.entity_id   1
_entity_poly.type   'polypeptide(L)'
_entity_poly.pdbx_seq_one_letter_code
;MKTIIALSYIFCLVFAGAPAAISTSIPVISQPQFTAMNEPQCFYNESIAFFYNRSGKHLATEWNTVSKLVMGLGITVCIF
IMLANLLVMVAIYVNRRFHFPIYYLMANLAAADFFAGLAYFYLMFNTGPNTRRLTVSTWLLRQGLIDTSLTASVANLLAI
AIERHITVFRMQLHTRMSNRRVVVVIVVIWTMAIVMGAIPSVGWNCICDIENCSNMAPLYSDSYLVFWAIFNLVTFVVMV
VLYAHIFGYVADLEDNWETLNDNLKVIEKADNAAQVKDALTKMRAAALDAQKATPPKLEDKSPDSPEMKDFRHGFDILVG
QIDDALKLANEGKVKEAQAAAEQLKTTRNAYIQKYLRNRDTMMSLLKTVVIVLGAFIICWTPGLVLLLLDVCCPQCDVLA
YEKFFLLLAEFNSAMNPIIYSYRDKEMSATFRQILGRPLEVLFQGPHHHHHHHHHHDYKDDDDK
;
_entity_poly.pdbx_strand_id   A
#
loop_
_chem_comp.id
_chem_comp.type
_chem_comp.name
_chem_comp.formula
1WV non-polymer '(2S)-2,3-dihydroxypropyl (7Z)-tetradec-7-enoate' 'C17 H32 O4'
ON9 non-polymer '3-{1-[(2S,3S)-3-(4-acetyl-3,5-dimethoxyphenyl)-2-(2,3-dihydro-1H-inden-2-ylmethyl)-3-hydroxypropyl]-4-(methoxycarbonyl)-1H-pyrrol-3-yl}propanoic acid' 'C32 H37 N O8'
#
# COMPACT_ATOMS: atom_id res chain seq x y z
N GLN A 41 29.83 -30.51 -1.42
CA GLN A 41 29.09 -29.29 -1.15
C GLN A 41 27.76 -29.25 -1.91
N CYS A 42 27.78 -29.61 -3.21
CA CYS A 42 26.60 -29.63 -4.09
C CYS A 42 25.64 -30.75 -3.65
N PHE A 43 24.62 -30.36 -2.84
CA PHE A 43 23.55 -31.18 -2.25
C PHE A 43 24.09 -32.41 -1.50
N TYR A 44 25.09 -32.19 -0.61
CA TYR A 44 25.69 -33.22 0.22
C TYR A 44 24.83 -33.39 1.47
N ASN A 45 25.00 -34.50 2.22
CA ASN A 45 24.22 -34.69 3.46
C ASN A 45 24.97 -33.95 4.60
N GLU A 46 25.21 -32.65 4.38
CA GLU A 46 25.88 -31.74 5.31
C GLU A 46 24.87 -31.05 6.20
N SER A 47 25.23 -30.87 7.48
CA SER A 47 24.39 -30.20 8.46
C SER A 47 24.41 -28.69 8.22
N ILE A 48 23.56 -27.94 8.93
CA ILE A 48 23.46 -26.48 8.81
C ILE A 48 24.77 -25.82 9.31
N ALA A 49 25.50 -26.51 10.21
CA ALA A 49 26.78 -26.07 10.78
C ALA A 49 27.85 -25.86 9.70
N PHE A 50 27.82 -26.67 8.63
CA PHE A 50 28.75 -26.60 7.49
C PHE A 50 28.61 -25.27 6.74
N PHE A 51 27.37 -24.85 6.45
CA PHE A 51 27.05 -23.63 5.71
C PHE A 51 27.26 -22.39 6.58
N TYR A 52 26.82 -22.44 7.85
CA TYR A 52 26.89 -21.36 8.82
C TYR A 52 28.32 -21.04 9.27
N ASN A 53 29.22 -22.04 9.28
CA ASN A 53 30.61 -21.84 9.71
C ASN A 53 31.45 -21.21 8.59
N ARG A 54 31.19 -21.58 7.32
CA ARG A 54 31.93 -21.07 6.15
C ARG A 54 31.71 -19.57 5.96
N SER A 55 30.47 -19.09 6.15
CA SER A 55 30.11 -17.67 6.07
C SER A 55 30.26 -17.01 7.44
N GLY A 56 30.40 -15.68 7.47
CA GLY A 56 30.52 -14.93 8.71
C GLY A 56 29.21 -14.80 9.46
N LYS A 57 28.69 -15.94 9.95
CA LYS A 57 27.42 -16.04 10.67
C LYS A 57 27.58 -16.90 11.93
N HIS A 58 26.89 -16.51 13.02
CA HIS A 58 26.89 -17.17 14.32
C HIS A 58 25.99 -18.42 14.35
N LEU A 59 26.40 -19.45 15.11
CA LEU A 59 25.63 -20.68 15.31
C LEU A 59 25.79 -21.13 16.75
N ALA A 60 24.70 -21.05 17.52
CA ALA A 60 24.67 -21.39 18.94
C ALA A 60 24.32 -22.85 19.16
N THR A 61 24.83 -23.44 20.25
CA THR A 61 24.60 -24.83 20.65
C THR A 61 23.91 -24.85 22.04
N GLU A 62 24.12 -23.80 22.85
CA GLU A 62 23.56 -23.65 24.19
C GLU A 62 22.35 -22.68 24.18
N TRP A 63 21.47 -22.79 25.19
CA TRP A 63 20.31 -21.91 25.32
C TRP A 63 20.75 -20.57 25.92
N ASN A 64 20.87 -19.55 25.07
CA ASN A 64 21.31 -18.20 25.42
C ASN A 64 20.19 -17.42 26.12
N THR A 65 20.54 -16.31 26.82
CA THR A 65 19.58 -15.47 27.55
C THR A 65 18.73 -14.63 26.57
N VAL A 66 19.37 -14.02 25.53
CA VAL A 66 18.66 -13.19 24.54
C VAL A 66 17.84 -14.09 23.58
N SER A 67 18.29 -15.35 23.36
CA SER A 67 17.61 -16.31 22.48
C SER A 67 16.24 -16.71 23.04
N LYS A 68 16.14 -16.80 24.39
CA LYS A 68 14.91 -17.15 25.11
C LYS A 68 13.90 -16.02 25.04
N LEU A 69 14.38 -14.76 25.11
CA LEU A 69 13.54 -13.57 25.07
C LEU A 69 13.09 -13.23 23.65
N VAL A 70 13.95 -13.43 22.63
CA VAL A 70 13.60 -13.15 21.22
C VAL A 70 12.55 -14.19 20.75
N MET A 71 12.60 -15.43 21.31
CA MET A 71 11.63 -16.49 21.03
C MET A 71 10.33 -16.18 21.78
N GLY A 72 10.47 -15.77 23.05
CA GLY A 72 9.36 -15.42 23.93
C GLY A 72 8.53 -14.27 23.39
N LEU A 73 9.20 -13.19 22.95
CA LEU A 73 8.54 -12.02 22.36
C LEU A 73 8.02 -12.36 20.97
N GLY A 74 8.77 -13.16 20.22
CA GLY A 74 8.43 -13.60 18.87
C GLY A 74 7.11 -14.32 18.77
N ILE A 75 6.89 -15.30 19.67
CA ILE A 75 5.65 -16.10 19.74
C ILE A 75 4.48 -15.21 20.20
N THR A 76 4.70 -14.37 21.24
CA THR A 76 3.70 -13.45 21.81
C THR A 76 3.14 -12.51 20.71
N VAL A 77 4.01 -12.00 19.82
CA VAL A 77 3.63 -11.13 18.71
C VAL A 77 2.87 -11.97 17.66
N CYS A 78 3.37 -13.20 17.35
CA CYS A 78 2.78 -14.13 16.38
C CYS A 78 1.33 -14.48 16.74
N ILE A 79 1.05 -14.76 18.03
CA ILE A 79 -0.28 -15.11 18.53
C ILE A 79 -1.22 -13.89 18.32
N PHE A 80 -0.73 -12.67 18.60
CA PHE A 80 -1.47 -11.42 18.43
C PHE A 80 -1.81 -11.17 16.95
N ILE A 81 -0.86 -11.47 16.02
CA ILE A 81 -1.04 -11.30 14.57
C ILE A 81 -2.16 -12.25 14.10
N MET A 82 -2.13 -13.51 14.57
CA MET A 82 -3.11 -14.56 14.25
C MET A 82 -4.50 -14.28 14.89
N LEU A 83 -4.60 -13.28 15.78
CA LEU A 83 -5.86 -12.92 16.43
C LEU A 83 -6.41 -11.58 15.90
N ALA A 84 -5.54 -10.55 15.76
CA ALA A 84 -5.92 -9.21 15.28
C ALA A 84 -6.31 -9.23 13.79
N ASN A 85 -5.55 -9.95 12.95
CA ASN A 85 -5.82 -10.04 11.51
C ASN A 85 -6.99 -10.99 11.23
N LEU A 86 -7.27 -11.94 12.15
CA LEU A 86 -8.40 -12.86 12.04
C LEU A 86 -9.69 -12.12 12.37
N LEU A 87 -9.62 -11.17 13.32
CA LEU A 87 -10.74 -10.35 13.78
C LEU A 87 -11.25 -9.41 12.68
N VAL A 88 -10.31 -8.80 11.91
CA VAL A 88 -10.67 -7.87 10.82
C VAL A 88 -11.20 -8.66 9.60
N MET A 89 -10.77 -9.94 9.42
CA MET A 89 -11.25 -10.80 8.33
C MET A 89 -12.71 -11.22 8.55
N VAL A 90 -13.09 -11.44 9.82
CA VAL A 90 -14.46 -11.81 10.22
C VAL A 90 -15.35 -10.54 10.10
N ALA A 91 -14.80 -9.37 10.48
CA ALA A 91 -15.46 -8.06 10.46
C ALA A 91 -15.95 -7.67 9.06
N ILE A 92 -15.13 -7.92 8.02
CA ILE A 92 -15.45 -7.63 6.61
C ILE A 92 -16.50 -8.65 6.10
N TYR A 93 -16.42 -9.90 6.57
CA TYR A 93 -17.29 -11.02 6.21
C TYR A 93 -18.74 -10.84 6.73
N VAL A 94 -18.91 -10.35 7.99
CA VAL A 94 -20.25 -10.21 8.60
C VAL A 94 -20.93 -8.86 8.26
N ASN A 95 -20.15 -7.75 8.19
CA ASN A 95 -20.71 -6.42 7.92
C ASN A 95 -21.05 -6.25 6.44
N ARG A 96 -22.26 -5.73 6.18
CA ARG A 96 -22.84 -5.50 4.84
C ARG A 96 -22.09 -4.41 4.06
N ARG A 97 -21.71 -3.30 4.74
CA ARG A 97 -21.03 -2.15 4.13
C ARG A 97 -19.60 -2.47 3.66
N PHE A 98 -18.99 -3.57 4.16
CA PHE A 98 -17.62 -3.94 3.79
C PHE A 98 -17.60 -5.03 2.67
N HIS A 99 -18.69 -5.14 1.88
CA HIS A 99 -18.74 -6.09 0.75
C HIS A 99 -18.45 -5.33 -0.55
N PHE A 100 -17.25 -4.74 -0.65
CA PHE A 100 -16.78 -3.97 -1.80
C PHE A 100 -15.35 -4.41 -2.22
N PRO A 101 -14.99 -4.31 -3.54
CA PRO A 101 -13.65 -4.76 -3.99
C PRO A 101 -12.46 -4.28 -3.17
N ILE A 102 -12.50 -3.05 -2.62
CA ILE A 102 -11.39 -2.47 -1.83
C ILE A 102 -11.28 -3.20 -0.46
N TYR A 103 -12.40 -3.49 0.21
CA TYR A 103 -12.41 -4.13 1.52
C TYR A 103 -12.07 -5.63 1.44
N TYR A 104 -12.36 -6.29 0.28
CA TYR A 104 -12.03 -7.72 0.09
C TYR A 104 -10.51 -7.90 -0.02
N LEU A 105 -9.83 -6.90 -0.64
CA LEU A 105 -8.38 -6.86 -0.82
C LEU A 105 -7.67 -6.62 0.51
N MET A 106 -8.33 -5.89 1.44
CA MET A 106 -7.82 -5.59 2.79
C MET A 106 -7.81 -6.86 3.63
N ALA A 107 -8.84 -7.72 3.45
CA ALA A 107 -8.98 -8.99 4.15
C ALA A 107 -7.92 -9.99 3.69
N ASN A 108 -7.54 -9.92 2.39
CA ASN A 108 -6.50 -10.76 1.79
C ASN A 108 -5.13 -10.33 2.30
N LEU A 109 -4.96 -9.02 2.57
CA LEU A 109 -3.74 -8.43 3.12
C LEU A 109 -3.57 -8.91 4.57
N ALA A 110 -4.70 -9.05 5.29
CA ALA A 110 -4.77 -9.57 6.66
C ALA A 110 -4.50 -11.07 6.67
N ALA A 111 -4.97 -11.79 5.61
CA ALA A 111 -4.76 -13.22 5.42
C ALA A 111 -3.28 -13.51 5.16
N ALA A 112 -2.60 -12.57 4.45
CA ALA A 112 -1.17 -12.63 4.15
C ALA A 112 -0.36 -12.45 5.45
N ASP A 113 -0.85 -11.57 6.36
CA ASP A 113 -0.25 -11.33 7.66
C ASP A 113 -0.52 -12.52 8.59
N PHE A 114 -1.70 -13.17 8.43
CA PHE A 114 -2.09 -14.37 9.18
C PHE A 114 -1.15 -15.53 8.80
N PHE A 115 -0.78 -15.61 7.49
CA PHE A 115 0.16 -16.59 6.95
C PHE A 115 1.56 -16.25 7.45
N ALA A 116 1.88 -14.94 7.58
CA ALA A 116 3.16 -14.46 8.09
C ALA A 116 3.30 -14.81 9.57
N GLY A 117 2.19 -14.75 10.31
CA GLY A 117 2.11 -15.12 11.73
C GLY A 117 2.46 -16.58 11.95
N LEU A 118 2.11 -17.43 10.98
CA LEU A 118 2.42 -18.86 10.97
C LEU A 118 3.85 -19.10 10.49
N ALA A 119 4.34 -18.25 9.57
CA ALA A 119 5.69 -18.31 8.99
C ALA A 119 6.75 -17.91 10.03
N TYR A 120 6.52 -16.82 10.80
CA TYR A 120 7.45 -16.35 11.83
C TYR A 120 7.42 -17.27 13.06
N PHE A 121 6.28 -17.96 13.31
CA PHE A 121 6.10 -18.90 14.43
C PHE A 121 7.02 -20.10 14.27
N TYR A 122 7.14 -20.63 13.03
CA TYR A 122 8.00 -21.75 12.68
C TYR A 122 9.47 -21.31 12.67
N LEU A 123 9.72 -20.02 12.43
CA LEU A 123 11.05 -19.40 12.43
C LEU A 123 11.57 -19.25 13.87
N MET A 124 10.75 -18.70 14.77
CA MET A 124 11.09 -18.47 16.18
C MET A 124 11.23 -19.78 16.97
N PHE A 125 10.57 -20.86 16.50
CA PHE A 125 10.66 -22.18 17.12
C PHE A 125 11.99 -22.86 16.73
N ASN A 126 12.63 -22.37 15.65
CA ASN A 126 13.89 -22.90 15.13
C ASN A 126 14.99 -21.80 15.10
N THR A 127 15.10 -20.98 16.17
CA THR A 127 16.10 -19.91 16.30
C THR A 127 17.06 -20.23 17.48
N GLY A 128 18.30 -19.72 17.38
CA GLY A 128 19.33 -19.90 18.39
C GLY A 128 19.93 -21.30 18.38
N PRO A 129 19.76 -22.10 19.45
CA PRO A 129 20.34 -23.45 19.46
C PRO A 129 19.54 -24.44 18.59
N ASN A 130 18.26 -24.14 18.30
CA ASN A 130 17.37 -24.97 17.48
C ASN A 130 17.64 -24.80 15.97
N THR A 131 18.49 -23.81 15.60
CA THR A 131 18.90 -23.53 14.21
C THR A 131 19.77 -24.68 13.71
N ARG A 132 20.62 -25.24 14.60
CA ARG A 132 21.51 -26.37 14.34
C ARG A 132 20.73 -27.66 14.02
N ARG A 133 19.54 -27.82 14.65
CA ARG A 133 18.64 -28.96 14.48
C ARG A 133 18.01 -29.02 13.07
N LEU A 134 17.94 -27.86 12.37
CA LEU A 134 17.39 -27.76 11.01
C LEU A 134 18.25 -28.45 9.97
N THR A 135 17.59 -29.16 9.04
CA THR A 135 18.23 -29.82 7.90
C THR A 135 18.22 -28.85 6.71
N VAL A 136 18.81 -29.26 5.57
CA VAL A 136 18.88 -28.42 4.35
C VAL A 136 17.45 -28.12 3.84
N SER A 137 16.56 -29.14 3.85
CA SER A 137 15.17 -29.03 3.40
C SER A 137 14.32 -28.15 4.33
N THR A 138 14.44 -28.34 5.67
CA THR A 138 13.67 -27.58 6.68
C THR A 138 14.13 -26.12 6.75
N TRP A 139 15.42 -25.83 6.44
CA TRP A 139 15.95 -24.45 6.44
C TRP A 139 15.31 -23.66 5.32
N LEU A 140 15.20 -24.28 4.12
CA LEU A 140 14.58 -23.70 2.93
C LEU A 140 13.06 -23.55 3.11
N LEU A 141 12.47 -24.38 4.00
CA LEU A 141 11.04 -24.34 4.31
C LEU A 141 10.72 -23.08 5.14
N ARG A 142 11.43 -22.84 6.28
CA ARG A 142 11.19 -21.67 7.13
C ARG A 142 11.55 -20.37 6.39
N GLN A 143 12.57 -20.40 5.53
CA GLN A 143 13.02 -19.24 4.76
C GLN A 143 12.06 -18.99 3.60
N GLY A 144 11.50 -20.07 3.03
CA GLY A 144 10.55 -20.01 1.93
C GLY A 144 9.21 -19.43 2.31
N LEU A 145 8.68 -19.83 3.49
CA LEU A 145 7.40 -19.37 4.04
C LEU A 145 7.41 -17.86 4.33
N ILE A 146 8.59 -17.32 4.71
CA ILE A 146 8.79 -15.90 5.01
C ILE A 146 8.83 -15.11 3.68
N ASP A 147 9.51 -15.66 2.65
CA ASP A 147 9.60 -15.04 1.32
C ASP A 147 8.23 -15.03 0.63
N THR A 148 7.41 -16.06 0.88
CA THR A 148 6.05 -16.21 0.34
C THR A 148 5.13 -15.16 0.99
N SER A 149 5.23 -14.99 2.33
CA SER A 149 4.41 -14.06 3.11
C SER A 149 4.67 -12.58 2.74
N LEU A 150 5.92 -12.21 2.38
CA LEU A 150 6.28 -10.85 2.00
C LEU A 150 5.62 -10.46 0.68
N THR A 151 5.89 -11.24 -0.39
CA THR A 151 5.34 -11.02 -1.74
C THR A 151 3.81 -11.16 -1.74
N ALA A 152 3.22 -11.85 -0.73
CA ALA A 152 1.77 -11.98 -0.57
C ALA A 152 1.18 -10.62 -0.17
N SER A 153 1.89 -9.89 0.70
CA SER A 153 1.51 -8.56 1.18
C SER A 153 1.94 -7.47 0.19
N VAL A 154 3.07 -7.68 -0.52
CA VAL A 154 3.64 -6.75 -1.50
C VAL A 154 2.68 -6.68 -2.72
N ALA A 155 2.24 -7.84 -3.24
CA ALA A 155 1.30 -7.92 -4.37
C ALA A 155 -0.11 -7.43 -3.96
N ASN A 156 -0.49 -7.62 -2.67
CA ASN A 156 -1.77 -7.18 -2.13
C ASN A 156 -1.84 -5.66 -2.11
N LEU A 157 -0.79 -4.99 -1.58
CA LEU A 157 -0.67 -3.53 -1.50
C LEU A 157 -0.57 -2.93 -2.91
N LEU A 158 0.05 -3.67 -3.86
CA LEU A 158 0.18 -3.29 -5.27
C LEU A 158 -1.19 -3.30 -5.93
N ALA A 159 -2.02 -4.31 -5.63
CA ALA A 159 -3.38 -4.47 -6.14
C ALA A 159 -4.32 -3.39 -5.55
N ILE A 160 -4.09 -3.01 -4.28
CA ILE A 160 -4.85 -1.97 -3.58
C ILE A 160 -4.53 -0.61 -4.22
N ALA A 161 -3.24 -0.38 -4.56
CA ALA A 161 -2.75 0.84 -5.22
C ALA A 161 -3.39 1.04 -6.60
N ILE A 162 -3.61 -0.07 -7.34
CA ILE A 162 -4.25 -0.08 -8.66
C ILE A 162 -5.76 0.16 -8.46
N GLU A 163 -6.36 -0.49 -7.44
CA GLU A 163 -7.79 -0.38 -7.07
C GLU A 163 -8.15 1.09 -6.78
N ARG A 164 -7.28 1.81 -6.03
CA ARG A 164 -7.50 3.22 -5.69
C ARG A 164 -7.24 4.13 -6.91
N HIS A 165 -6.33 3.71 -7.82
CA HIS A 165 -5.98 4.47 -9.02
C HIS A 165 -7.12 4.46 -10.04
N ILE A 166 -7.99 3.43 -10.01
CA ILE A 166 -9.12 3.32 -10.93
C ILE A 166 -10.33 4.08 -10.35
N THR A 167 -10.72 3.79 -9.08
CA THR A 167 -11.88 4.36 -8.37
C THR A 167 -11.84 5.90 -8.26
N VAL A 168 -10.65 6.52 -8.19
CA VAL A 168 -10.50 7.99 -8.10
C VAL A 168 -10.89 8.61 -9.46
N PHE A 169 -10.40 8.03 -10.58
CA PHE A 169 -10.69 8.49 -11.94
C PHE A 169 -12.09 8.01 -12.42
N ARG A 170 -12.71 7.05 -11.69
CA ARG A 170 -14.04 6.53 -11.98
C ARG A 170 -15.08 7.08 -10.97
N MET A 171 -14.64 7.96 -10.05
CA MET A 171 -15.40 8.64 -8.98
C MET A 171 -15.98 7.68 -7.91
N GLN A 172 -16.80 6.69 -8.32
CA GLN A 172 -17.43 5.75 -7.38
C GLN A 172 -17.03 4.28 -7.65
N LEU A 173 -17.41 3.37 -6.72
CA LEU A 173 -17.15 1.93 -6.73
C LEU A 173 -17.80 1.23 -7.95
N HIS A 174 -17.36 -0.01 -8.22
CA HIS A 174 -17.81 -0.82 -9.35
C HIS A 174 -18.99 -1.75 -8.98
N THR A 175 -19.50 -2.52 -9.96
CA THR A 175 -20.63 -3.45 -9.84
C THR A 175 -20.15 -4.85 -9.37
N ARG A 176 -21.05 -5.86 -9.45
CA ARG A 176 -20.84 -7.26 -9.04
C ARG A 176 -19.74 -7.96 -9.87
N MET A 177 -19.54 -7.54 -11.14
CA MET A 177 -18.54 -8.09 -12.04
C MET A 177 -17.13 -8.00 -11.43
N SER A 178 -16.80 -6.85 -10.79
CA SER A 178 -15.52 -6.62 -10.13
C SER A 178 -15.31 -7.52 -8.91
N ASN A 179 -16.40 -7.87 -8.19
CA ASN A 179 -16.35 -8.76 -7.01
C ASN A 179 -15.91 -10.17 -7.44
N ARG A 180 -16.36 -10.61 -8.63
CA ARG A 180 -15.99 -11.90 -9.22
C ARG A 180 -14.55 -11.83 -9.74
N ARG A 181 -14.13 -10.64 -10.22
CA ARG A 181 -12.78 -10.36 -10.72
C ARG A 181 -11.78 -10.33 -9.57
N VAL A 182 -12.21 -9.88 -8.37
CA VAL A 182 -11.39 -9.78 -7.15
C VAL A 182 -10.92 -11.19 -6.75
N VAL A 183 -11.82 -12.19 -6.86
CA VAL A 183 -11.53 -13.60 -6.56
C VAL A 183 -10.36 -14.07 -7.43
N VAL A 184 -10.36 -13.68 -8.73
CA VAL A 184 -9.32 -13.99 -9.72
C VAL A 184 -8.01 -13.25 -9.32
N VAL A 185 -8.11 -11.99 -8.88
CA VAL A 185 -6.99 -11.14 -8.46
C VAL A 185 -6.32 -11.77 -7.21
N ILE A 186 -7.13 -12.24 -6.22
CA ILE A 186 -6.67 -12.91 -5.00
C ILE A 186 -5.83 -14.15 -5.37
N VAL A 187 -6.28 -14.94 -6.38
CA VAL A 187 -5.59 -16.14 -6.88
C VAL A 187 -4.20 -15.72 -7.45
N VAL A 188 -4.16 -14.66 -8.29
CA VAL A 188 -2.94 -14.11 -8.91
C VAL A 188 -1.93 -13.68 -7.80
N ILE A 189 -2.41 -12.99 -6.74
CA ILE A 189 -1.60 -12.51 -5.60
C ILE A 189 -0.95 -13.71 -4.88
N TRP A 190 -1.74 -14.75 -4.54
CA TRP A 190 -1.26 -15.94 -3.83
C TRP A 190 -0.39 -16.82 -4.73
N THR A 191 -0.67 -16.91 -6.06
CA THR A 191 0.11 -17.69 -7.02
C THR A 191 1.51 -17.08 -7.14
N MET A 192 1.58 -15.73 -7.25
CA MET A 192 2.84 -14.98 -7.32
C MET A 192 3.68 -15.21 -6.06
N ALA A 193 3.02 -15.20 -4.89
CA ALA A 193 3.64 -15.42 -3.58
C ALA A 193 4.27 -16.82 -3.48
N ILE A 194 3.57 -17.87 -3.93
CA ILE A 194 4.03 -19.27 -3.91
C ILE A 194 5.24 -19.42 -4.86
N VAL A 195 5.18 -18.84 -6.07
CA VAL A 195 6.24 -18.90 -7.08
C VAL A 195 7.50 -18.18 -6.56
N MET A 196 7.37 -16.91 -6.08
CA MET A 196 8.47 -16.09 -5.53
C MET A 196 9.13 -16.76 -4.31
N GLY A 197 8.34 -17.52 -3.56
CA GLY A 197 8.80 -18.26 -2.39
C GLY A 197 9.31 -19.65 -2.71
N ALA A 198 9.35 -20.01 -4.00
CA ALA A 198 9.81 -21.31 -4.50
C ALA A 198 11.06 -21.17 -5.38
N ILE A 199 11.24 -20.01 -6.06
CA ILE A 199 12.37 -19.69 -6.95
C ILE A 199 13.74 -20.07 -6.29
N PRO A 200 14.08 -19.71 -5.02
CA PRO A 200 15.38 -20.13 -4.48
C PRO A 200 15.43 -21.62 -4.13
N SER A 201 14.25 -22.26 -3.95
CA SER A 201 14.13 -23.68 -3.62
C SER A 201 13.99 -24.53 -4.90
N VAL A 202 14.12 -23.91 -6.11
CA VAL A 202 14.05 -24.60 -7.39
C VAL A 202 15.33 -24.21 -8.19
N GLY A 203 16.51 -24.48 -7.60
CA GLY A 203 17.80 -24.24 -8.24
C GLY A 203 18.58 -22.99 -7.92
N TRP A 204 17.89 -21.84 -7.67
CA TRP A 204 18.59 -20.57 -7.42
C TRP A 204 19.02 -20.44 -5.93
N ASN A 205 20.02 -21.24 -5.55
CA ASN A 205 20.62 -21.25 -4.20
C ASN A 205 22.12 -21.59 -4.31
N CYS A 206 22.93 -21.17 -3.33
CA CYS A 206 24.39 -21.36 -3.33
C CYS A 206 24.79 -22.77 -2.79
N ILE A 207 23.91 -23.78 -2.97
CA ILE A 207 24.15 -25.16 -2.56
C ILE A 207 25.27 -25.79 -3.45
N CYS A 208 25.25 -25.52 -4.77
CA CYS A 208 26.24 -26.03 -5.73
C CYS A 208 27.13 -24.86 -6.21
N ASP A 209 27.11 -23.76 -5.45
CA ASP A 209 27.89 -22.53 -5.65
C ASP A 209 28.27 -22.01 -4.25
N ILE A 210 28.87 -22.91 -3.44
CA ILE A 210 29.27 -22.77 -2.04
C ILE A 210 30.18 -21.53 -1.78
N GLU A 211 30.94 -21.07 -2.79
CA GLU A 211 31.82 -19.91 -2.64
C GLU A 211 31.04 -18.60 -2.72
N ASN A 212 29.91 -18.59 -3.45
CA ASN A 212 29.06 -17.39 -3.61
C ASN A 212 27.86 -17.41 -2.63
N CYS A 213 28.09 -17.88 -1.38
CA CYS A 213 27.08 -17.89 -0.33
C CYS A 213 27.11 -16.56 0.42
N SER A 214 25.93 -16.06 0.78
CA SER A 214 25.80 -14.81 1.51
C SER A 214 26.07 -15.01 3.02
N ASN A 215 26.58 -13.97 3.69
CA ASN A 215 26.91 -13.96 5.12
C ASN A 215 25.65 -14.04 6.00
N MET A 216 24.54 -13.42 5.56
CA MET A 216 23.29 -13.41 6.31
C MET A 216 22.55 -14.75 6.14
N ALA A 217 22.28 -15.17 4.89
CA ALA A 217 21.63 -16.45 4.60
C ALA A 217 22.67 -17.44 4.03
N PRO A 218 23.15 -18.42 4.83
CA PRO A 218 24.23 -19.31 4.34
C PRO A 218 23.82 -20.30 3.25
N LEU A 219 22.52 -20.50 2.99
CA LEU A 219 22.06 -21.42 1.95
C LEU A 219 21.52 -20.68 0.71
N TYR A 220 21.36 -19.34 0.79
CA TYR A 220 20.87 -18.50 -0.31
C TYR A 220 22.04 -17.82 -1.04
N SER A 221 21.96 -17.74 -2.37
CA SER A 221 22.97 -17.14 -3.24
C SER A 221 22.91 -15.62 -3.18
N ASP A 222 24.08 -14.94 -3.33
CA ASP A 222 24.21 -13.48 -3.33
C ASP A 222 23.45 -12.87 -4.51
N SER A 223 23.50 -13.54 -5.68
CA SER A 223 22.83 -13.12 -6.92
C SER A 223 21.32 -13.08 -6.76
N TYR A 224 20.76 -13.97 -5.91
CA TYR A 224 19.33 -14.03 -5.64
C TYR A 224 18.91 -12.90 -4.70
N LEU A 225 19.67 -12.68 -3.60
CA LEU A 225 19.38 -11.66 -2.60
C LEU A 225 19.45 -10.24 -3.17
N VAL A 226 20.39 -9.98 -4.13
CA VAL A 226 20.53 -8.68 -4.81
C VAL A 226 19.27 -8.48 -5.68
N PHE A 227 18.82 -9.55 -6.37
CA PHE A 227 17.63 -9.56 -7.23
C PHE A 227 16.35 -9.39 -6.39
N TRP A 228 16.23 -10.13 -5.28
CA TRP A 228 15.08 -10.12 -4.38
C TRP A 228 14.89 -8.74 -3.72
N ALA A 229 15.98 -8.13 -3.23
CA ALA A 229 15.97 -6.84 -2.57
C ALA A 229 15.63 -5.70 -3.56
N ILE A 230 16.20 -5.74 -4.78
CA ILE A 230 15.96 -4.70 -5.79
C ILE A 230 14.54 -4.86 -6.40
N PHE A 231 13.96 -6.08 -6.35
CA PHE A 231 12.62 -6.36 -6.87
C PHE A 231 11.54 -5.79 -5.94
N ASN A 232 11.71 -5.98 -4.62
CA ASN A 232 10.76 -5.48 -3.62
C ASN A 232 10.88 -3.97 -3.43
N LEU A 233 12.08 -3.39 -3.61
CA LEU A 233 12.32 -1.96 -3.46
C LEU A 233 11.77 -1.18 -4.66
N VAL A 234 11.89 -1.72 -5.89
CA VAL A 234 11.40 -1.05 -7.10
C VAL A 234 9.84 -1.08 -7.08
N THR A 235 9.24 -2.08 -6.40
CA THR A 235 7.79 -2.22 -6.25
C THR A 235 7.30 -1.12 -5.30
N PHE A 236 8.09 -0.81 -4.25
CA PHE A 236 7.76 0.25 -3.28
C PHE A 236 7.79 1.63 -3.94
N VAL A 237 8.75 1.86 -4.86
CA VAL A 237 8.94 3.12 -5.59
C VAL A 237 7.74 3.35 -6.54
N VAL A 238 7.37 2.34 -7.37
CA VAL A 238 6.26 2.46 -8.33
C VAL A 238 4.91 2.62 -7.58
N MET A 239 4.80 2.06 -6.35
CA MET A 239 3.59 2.21 -5.53
C MET A 239 3.47 3.64 -5.02
N VAL A 240 4.61 4.26 -4.63
CA VAL A 240 4.66 5.66 -4.16
C VAL A 240 4.22 6.59 -5.31
N VAL A 241 4.72 6.31 -6.55
CA VAL A 241 4.40 7.05 -7.78
C VAL A 241 2.88 6.99 -8.05
N LEU A 242 2.25 5.81 -7.82
CA LEU A 242 0.81 5.59 -8.01
C LEU A 242 -0.02 6.52 -7.12
N TYR A 243 0.30 6.60 -5.80
CA TYR A 243 -0.43 7.46 -4.86
C TYR A 243 -0.08 8.94 -5.07
N ALA A 244 1.19 9.25 -5.46
CA ALA A 244 1.64 10.62 -5.76
C ALA A 244 0.89 11.19 -6.95
N HIS A 245 0.52 10.32 -7.92
CA HIS A 245 -0.27 10.67 -9.11
C HIS A 245 -1.73 10.95 -8.71
N ILE A 246 -2.23 10.23 -7.67
CA ILE A 246 -3.59 10.38 -7.15
C ILE A 246 -3.68 11.69 -6.36
N PHE A 247 -2.81 11.87 -5.34
CA PHE A 247 -2.78 13.06 -4.48
C PHE A 247 -2.53 14.34 -5.29
N GLY A 248 -1.66 14.24 -6.31
CA GLY A 248 -1.34 15.35 -7.20
C GLY A 248 -2.52 15.80 -8.03
N TYR A 249 -3.31 14.82 -8.53
CA TYR A 249 -4.52 15.04 -9.33
C TYR A 249 -5.66 15.60 -8.47
N VAL A 250 -5.79 15.11 -7.22
CA VAL A 250 -6.83 15.58 -6.27
C VAL A 250 -6.51 17.05 -5.93
N ALA A 251 -5.21 17.38 -5.77
CA ALA A 251 -4.72 18.73 -5.49
C ALA A 251 -5.00 19.68 -6.66
N ASP A 252 -4.91 19.18 -7.91
CA ASP A 252 -5.14 19.96 -9.12
C ASP A 252 -6.64 20.30 -9.31
N LEU A 253 -7.55 19.39 -8.91
CA LEU A 253 -8.99 19.65 -9.03
C LEU A 253 -9.45 20.62 -7.95
N GLU A 254 -8.89 20.50 -6.72
CA GLU A 254 -9.19 21.38 -5.58
C GLU A 254 -8.67 22.80 -5.84
N ASP A 255 -7.53 22.94 -6.55
CA ASP A 255 -6.93 24.22 -6.91
C ASP A 255 -7.81 24.95 -7.94
N ASN A 256 -8.34 24.20 -8.92
CA ASN A 256 -9.24 24.71 -9.95
C ASN A 256 -10.60 25.05 -9.34
N TRP A 257 -11.00 24.31 -8.27
CA TRP A 257 -12.24 24.53 -7.54
C TRP A 257 -12.13 25.79 -6.68
N GLU A 258 -10.92 26.05 -6.14
CA GLU A 258 -10.61 27.23 -5.33
C GLU A 258 -10.63 28.48 -6.22
N THR A 259 -10.07 28.36 -7.45
CA THR A 259 -9.99 29.43 -8.46
C THR A 259 -11.42 29.78 -8.94
N LEU A 260 -12.29 28.77 -9.05
CA LEU A 260 -13.67 28.89 -9.51
C LEU A 260 -14.55 29.62 -8.47
N ASN A 261 -14.38 29.31 -7.17
CA ASN A 261 -15.16 29.90 -6.08
C ASN A 261 -14.70 31.32 -5.69
N ASP A 262 -13.37 31.57 -5.68
CA ASP A 262 -12.80 32.87 -5.31
C ASP A 262 -13.14 33.96 -6.35
N ASN A 263 -12.90 33.70 -7.65
CA ASN A 263 -13.16 34.65 -8.74
C ASN A 263 -14.67 34.90 -8.96
N LEU A 264 -15.53 33.98 -8.51
CA LEU A 264 -16.99 34.11 -8.61
C LEU A 264 -17.47 35.21 -7.67
N LYS A 265 -16.81 35.34 -6.50
CA LYS A 265 -17.09 36.34 -5.47
C LYS A 265 -16.65 37.74 -5.94
N VAL A 266 -15.62 37.82 -6.81
CA VAL A 266 -15.07 39.06 -7.37
C VAL A 266 -16.12 39.71 -8.30
N ILE A 267 -16.80 38.89 -9.13
CA ILE A 267 -17.84 39.32 -10.08
C ILE A 267 -19.06 39.87 -9.29
N GLU A 268 -19.41 39.22 -8.16
CA GLU A 268 -20.53 39.62 -7.29
C GLU A 268 -20.34 41.05 -6.76
N LYS A 269 -19.06 41.48 -6.55
CA LYS A 269 -18.71 42.83 -6.10
C LYS A 269 -18.91 43.81 -7.27
N ALA A 270 -19.66 44.91 -7.02
CA ALA A 270 -19.95 45.96 -8.00
C ALA A 270 -18.67 46.67 -8.43
N ASP A 271 -18.11 46.23 -9.57
CA ASP A 271 -16.87 46.75 -10.14
C ASP A 271 -17.05 47.10 -11.64
N ASN A 272 -15.98 47.57 -12.30
CA ASN A 272 -15.98 47.93 -13.71
C ASN A 272 -15.92 46.67 -14.61
N ALA A 273 -16.16 46.84 -15.92
CA ALA A 273 -16.18 45.80 -16.94
C ALA A 273 -14.86 45.00 -17.00
N ALA A 274 -13.71 45.68 -16.86
CA ALA A 274 -12.37 45.07 -16.90
C ALA A 274 -12.12 44.11 -15.73
N GLN A 275 -12.74 44.39 -14.57
CA GLN A 275 -12.62 43.54 -13.38
C GLN A 275 -13.42 42.24 -13.55
N VAL A 276 -14.55 42.29 -14.29
CA VAL A 276 -15.43 41.14 -14.55
C VAL A 276 -14.75 40.18 -15.54
N LYS A 277 -14.13 40.73 -16.62
CA LYS A 277 -13.44 39.96 -17.67
C LYS A 277 -12.28 39.14 -17.10
N ASP A 278 -11.39 39.77 -16.29
CA ASP A 278 -10.20 39.13 -15.72
C ASP A 278 -10.59 37.98 -14.78
N ALA A 279 -11.74 38.08 -14.07
CA ALA A 279 -12.21 37.04 -13.17
C ALA A 279 -12.74 35.84 -13.97
N LEU A 280 -13.54 36.08 -15.02
CA LEU A 280 -14.11 35.04 -15.89
C LEU A 280 -13.03 34.30 -16.68
N THR A 281 -11.97 35.02 -17.12
CA THR A 281 -10.83 34.45 -17.87
C THR A 281 -10.09 33.45 -16.98
N LYS A 282 -9.92 33.80 -15.67
CA LYS A 282 -9.28 32.95 -14.66
C LYS A 282 -10.13 31.69 -14.41
N MET A 283 -11.47 31.80 -14.55
CA MET A 283 -12.41 30.69 -14.38
C MET A 283 -12.41 29.77 -15.60
N ARG A 284 -12.35 30.34 -16.82
CA ARG A 284 -12.31 29.58 -18.07
C ARG A 284 -11.05 28.73 -18.15
N ALA A 285 -9.89 29.30 -17.69
CA ALA A 285 -8.60 28.64 -17.65
C ALA A 285 -8.58 27.50 -16.62
N ALA A 286 -9.31 27.67 -15.49
CA ALA A 286 -9.41 26.69 -14.41
C ALA A 286 -10.33 25.52 -14.79
N ALA A 287 -11.37 25.78 -15.60
CA ALA A 287 -12.34 24.78 -16.04
C ALA A 287 -11.76 23.82 -17.10
N LEU A 288 -10.85 24.32 -17.97
CA LEU A 288 -10.22 23.52 -19.03
C LEU A 288 -9.21 22.53 -18.46
N ASP A 289 -8.55 22.88 -17.35
CA ASP A 289 -7.56 22.04 -16.65
C ASP A 289 -8.28 20.98 -15.81
N ALA A 290 -9.47 21.30 -15.29
CA ALA A 290 -10.32 20.40 -14.50
C ALA A 290 -10.90 19.27 -15.38
N GLN A 291 -11.04 19.55 -16.70
CA GLN A 291 -11.57 18.65 -17.73
C GLN A 291 -10.63 17.46 -17.99
N LYS A 292 -9.30 17.69 -17.96
CA LYS A 292 -8.27 16.67 -18.18
C LYS A 292 -8.24 15.67 -17.01
N ALA A 293 -8.44 14.37 -17.31
CA ALA A 293 -8.47 13.30 -16.32
C ALA A 293 -7.50 12.17 -16.70
N MET A 308 -20.61 7.41 -15.60
CA MET A 308 -19.30 7.51 -16.23
C MET A 308 -19.23 8.79 -17.10
N LYS A 309 -20.21 8.98 -18.01
CA LYS A 309 -20.28 10.14 -18.92
C LYS A 309 -21.04 11.32 -18.26
N ASP A 310 -21.33 11.23 -16.94
CA ASP A 310 -22.04 12.25 -16.17
C ASP A 310 -21.14 13.46 -15.84
N PHE A 311 -19.86 13.21 -15.48
CA PHE A 311 -18.91 14.27 -15.13
C PHE A 311 -18.17 14.79 -16.37
N ARG A 312 -17.93 13.91 -17.37
CA ARG A 312 -17.23 14.24 -18.63
C ARG A 312 -18.04 15.27 -19.44
N HIS A 313 -19.38 15.19 -19.39
CA HIS A 313 -20.32 16.08 -20.07
C HIS A 313 -21.04 17.00 -19.05
N GLY A 314 -20.47 17.14 -17.86
CA GLY A 314 -21.02 17.96 -16.78
C GLY A 314 -20.31 19.29 -16.57
N PHE A 315 -18.96 19.27 -16.60
CA PHE A 315 -18.11 20.44 -16.41
C PHE A 315 -18.10 21.36 -17.63
N ASP A 316 -18.32 20.79 -18.85
CA ASP A 316 -18.33 21.57 -20.11
C ASP A 316 -19.55 22.50 -20.20
N ILE A 317 -20.61 22.21 -19.41
CA ILE A 317 -21.83 23.03 -19.33
C ILE A 317 -21.44 24.38 -18.71
N LEU A 318 -20.59 24.34 -17.65
CA LEU A 318 -20.07 25.51 -16.93
C LEU A 318 -19.16 26.33 -17.84
N VAL A 319 -18.38 25.66 -18.73
CA VAL A 319 -17.46 26.29 -19.69
C VAL A 319 -18.30 27.15 -20.67
N GLY A 320 -19.44 26.62 -21.11
CA GLY A 320 -20.36 27.32 -21.99
C GLY A 320 -21.01 28.52 -21.35
N GLN A 321 -21.46 28.37 -20.07
CA GLN A 321 -22.10 29.41 -19.27
C GLN A 321 -21.13 30.57 -18.96
N ILE A 322 -19.83 30.28 -18.76
CA ILE A 322 -18.79 31.28 -18.48
C ILE A 322 -18.49 32.05 -19.79
N ASP A 323 -18.33 31.33 -20.93
CA ASP A 323 -18.05 31.90 -22.25
C ASP A 323 -19.18 32.85 -22.68
N ASP A 324 -20.44 32.51 -22.34
CA ASP A 324 -21.62 33.34 -22.65
C ASP A 324 -21.65 34.58 -21.76
N ALA A 325 -21.18 34.45 -20.49
CA ALA A 325 -21.09 35.55 -19.54
C ALA A 325 -19.92 36.50 -19.90
N LEU A 326 -18.88 35.94 -20.55
CA LEU A 326 -17.69 36.66 -21.00
C LEU A 326 -18.03 37.58 -22.18
N LYS A 327 -18.89 37.10 -23.12
CA LYS A 327 -19.35 37.83 -24.31
C LYS A 327 -20.18 39.07 -23.90
N LEU A 328 -20.91 38.99 -22.77
CA LEU A 328 -21.75 40.09 -22.23
C LEU A 328 -20.89 41.23 -21.71
N ALA A 329 -19.73 40.91 -21.11
CA ALA A 329 -18.78 41.88 -20.56
C ALA A 329 -18.02 42.61 -21.68
N ASN A 330 -17.73 41.90 -22.79
CA ASN A 330 -17.02 42.43 -23.95
C ASN A 330 -17.88 43.47 -24.70
N GLU A 331 -19.21 43.31 -24.67
CA GLU A 331 -20.16 44.22 -25.31
C GLU A 331 -20.26 45.53 -24.52
N GLY A 332 -20.24 45.43 -23.19
CA GLY A 332 -20.33 46.56 -22.28
C GLY A 332 -21.38 46.40 -21.18
N LYS A 333 -22.10 45.26 -21.21
CA LYS A 333 -23.16 44.92 -20.27
C LYS A 333 -22.55 44.26 -19.03
N VAL A 334 -22.20 45.09 -18.02
CA VAL A 334 -21.58 44.65 -16.76
C VAL A 334 -22.65 44.00 -15.88
N LYS A 335 -23.84 44.61 -15.81
CA LYS A 335 -24.98 44.16 -14.99
C LYS A 335 -25.50 42.80 -15.47
N GLU A 336 -25.51 42.57 -16.80
CA GLU A 336 -25.94 41.30 -17.39
C GLU A 336 -24.89 40.21 -17.19
N ALA A 337 -23.59 40.61 -17.15
CA ALA A 337 -22.46 39.71 -16.93
C ALA A 337 -22.43 39.19 -15.49
N GLN A 338 -22.82 40.03 -14.52
CA GLN A 338 -22.89 39.70 -13.09
C GLN A 338 -24.07 38.76 -12.82
N ALA A 339 -25.20 38.97 -13.52
CA ALA A 339 -26.42 38.16 -13.40
C ALA A 339 -26.22 36.77 -14.01
N ALA A 340 -25.46 36.68 -15.12
CA ALA A 340 -25.13 35.43 -15.80
C ALA A 340 -24.15 34.60 -14.97
N ALA A 341 -23.27 35.27 -14.20
CA ALA A 341 -22.30 34.63 -13.31
C ALA A 341 -22.98 34.11 -12.04
N GLU A 342 -24.13 34.71 -11.67
CA GLU A 342 -24.94 34.29 -10.52
C GLU A 342 -25.64 32.96 -10.83
N GLN A 343 -25.89 32.70 -12.14
CA GLN A 343 -26.50 31.48 -12.67
C GLN A 343 -25.50 30.31 -12.61
N LEU A 344 -24.18 30.62 -12.67
CA LEU A 344 -23.09 29.65 -12.60
C LEU A 344 -22.99 29.06 -11.18
N LYS A 345 -23.39 29.85 -10.15
CA LYS A 345 -23.40 29.47 -8.74
C LYS A 345 -24.46 28.39 -8.48
N THR A 346 -25.65 28.52 -9.10
CA THR A 346 -26.76 27.56 -8.96
C THR A 346 -26.48 26.27 -9.75
N THR A 347 -25.55 26.33 -10.73
CA THR A 347 -25.15 25.20 -11.58
C THR A 347 -24.19 24.27 -10.81
N ARG A 348 -23.17 24.85 -10.11
CA ARG A 348 -22.19 24.08 -9.34
C ARG A 348 -22.83 23.52 -8.04
N ASN A 349 -23.83 24.23 -7.47
CA ASN A 349 -24.54 23.83 -6.24
C ASN A 349 -25.44 22.60 -6.47
N ALA A 350 -25.66 22.20 -7.74
CA ALA A 350 -26.48 21.06 -8.13
C ALA A 350 -25.68 19.75 -8.19
N TYR A 351 -24.33 19.83 -8.29
CA TYR A 351 -23.45 18.66 -8.39
C TYR A 351 -22.64 18.40 -7.11
N ILE A 352 -22.59 19.36 -6.16
CA ILE A 352 -21.87 19.22 -4.89
C ILE A 352 -22.59 18.21 -3.94
N GLN A 353 -23.88 17.93 -4.22
CA GLN A 353 -24.69 16.99 -3.46
C GLN A 353 -24.58 15.57 -4.06
N LYS A 354 -23.85 15.44 -5.19
CA LYS A 354 -23.66 14.18 -5.91
C LYS A 354 -22.20 13.67 -5.88
N TYR A 355 -21.22 14.57 -5.64
CA TYR A 355 -19.80 14.19 -5.65
C TYR A 355 -19.03 14.62 -4.40
N LEU A 356 -19.26 15.85 -3.89
CA LEU A 356 -18.52 16.39 -2.74
C LEU A 356 -18.80 15.62 -1.45
N ARG A 357 -20.03 15.09 -1.25
CA ARG A 357 -20.38 14.33 -0.04
C ARG A 357 -19.77 12.93 -0.05
N ASN A 358 -19.51 12.37 -1.25
CA ASN A 358 -18.98 11.02 -1.45
C ASN A 358 -17.44 10.99 -1.55
N ARG A 359 -16.80 12.13 -1.86
CA ARG A 359 -15.34 12.25 -1.99
C ARG A 359 -14.63 12.20 -0.62
N ASP A 360 -15.34 12.67 0.43
CA ASP A 360 -14.84 12.70 1.81
C ASP A 360 -14.66 11.29 2.38
N THR A 361 -15.60 10.37 2.03
CA THR A 361 -15.56 8.97 2.44
C THR A 361 -14.47 8.23 1.67
N MET A 362 -14.20 8.66 0.42
CA MET A 362 -13.17 8.09 -0.46
C MET A 362 -11.76 8.47 0.03
N MET A 363 -11.54 9.76 0.36
CA MET A 363 -10.25 10.28 0.83
C MET A 363 -9.90 9.76 2.25
N SER A 364 -10.93 9.47 3.08
CA SER A 364 -10.77 8.93 4.43
C SER A 364 -10.19 7.51 4.38
N LEU A 365 -10.63 6.71 3.38
CA LEU A 365 -10.19 5.35 3.14
C LEU A 365 -8.85 5.35 2.40
N LEU A 366 -8.63 6.36 1.52
CA LEU A 366 -7.41 6.53 0.73
C LEU A 366 -6.21 6.82 1.66
N LYS A 367 -6.38 7.72 2.65
CA LYS A 367 -5.36 8.09 3.63
C LYS A 367 -4.96 6.91 4.52
N THR A 368 -5.96 6.08 4.92
CA THR A 368 -5.79 4.88 5.75
C THR A 368 -4.86 3.87 5.04
N VAL A 369 -5.07 3.68 3.71
CA VAL A 369 -4.31 2.80 2.83
C VAL A 369 -2.83 3.25 2.77
N VAL A 370 -2.58 4.57 2.63
CA VAL A 370 -1.24 5.18 2.55
C VAL A 370 -0.49 4.98 3.90
N ILE A 371 -1.22 4.98 5.04
CA ILE A 371 -0.62 4.77 6.37
C ILE A 371 -0.16 3.29 6.48
N VAL A 372 -0.97 2.34 5.93
CA VAL A 372 -0.65 0.90 5.91
C VAL A 372 0.60 0.68 5.03
N LEU A 373 0.65 1.36 3.87
CA LEU A 373 1.77 1.29 2.93
C LEU A 373 3.02 2.00 3.48
N GLY A 374 2.81 3.13 4.16
CA GLY A 374 3.86 3.94 4.77
C GLY A 374 4.61 3.18 5.85
N ALA A 375 3.86 2.51 6.75
CA ALA A 375 4.41 1.70 7.84
C ALA A 375 5.15 0.47 7.29
N PHE A 376 4.67 -0.08 6.14
CA PHE A 376 5.25 -1.23 5.45
C PHE A 376 6.63 -0.88 4.88
N ILE A 377 6.79 0.32 4.29
CA ILE A 377 8.05 0.78 3.69
C ILE A 377 9.09 1.06 4.80
N ILE A 378 8.73 1.86 5.82
CA ILE A 378 9.57 2.31 6.93
C ILE A 378 10.20 1.10 7.70
N CYS A 379 9.50 -0.05 7.82
CA CYS A 379 10.02 -1.19 8.57
C CYS A 379 10.74 -2.23 7.67
N TRP A 380 10.27 -2.44 6.41
CA TRP A 380 10.85 -3.45 5.51
C TRP A 380 12.10 -2.95 4.76
N THR A 381 12.19 -1.64 4.44
CA THR A 381 13.34 -1.06 3.70
C THR A 381 14.67 -1.28 4.48
N PRO A 382 14.80 -1.03 5.82
CA PRO A 382 16.11 -1.27 6.48
C PRO A 382 16.58 -2.72 6.40
N GLY A 383 15.64 -3.65 6.39
CA GLY A 383 15.92 -5.07 6.28
C GLY A 383 16.34 -5.48 4.89
N LEU A 384 15.76 -4.84 3.86
CA LEU A 384 16.06 -5.10 2.45
C LEU A 384 17.36 -4.41 2.03
N VAL A 385 17.69 -3.25 2.65
CA VAL A 385 18.94 -2.51 2.41
C VAL A 385 20.09 -3.33 3.04
N LEU A 386 19.79 -4.01 4.18
CA LEU A 386 20.71 -4.89 4.90
C LEU A 386 21.13 -6.07 4.03
N LEU A 387 20.21 -6.58 3.18
CA LEU A 387 20.45 -7.67 2.23
C LEU A 387 21.43 -7.23 1.13
N LEU A 388 21.30 -5.95 0.69
CA LEU A 388 22.18 -5.35 -0.31
C LEU A 388 23.58 -5.11 0.25
N LEU A 389 23.67 -4.62 1.50
CA LEU A 389 24.94 -4.34 2.21
C LEU A 389 25.66 -5.65 2.63
N ASP A 390 24.94 -6.78 2.59
CA ASP A 390 25.46 -8.09 2.94
C ASP A 390 26.38 -8.66 1.85
N VAL A 391 26.03 -8.41 0.57
CA VAL A 391 26.75 -8.95 -0.57
C VAL A 391 27.54 -7.85 -1.34
N CYS A 392 27.10 -6.58 -1.27
CA CYS A 392 27.74 -5.49 -2.01
C CYS A 392 28.61 -4.59 -1.10
N CYS A 393 28.62 -4.84 0.23
CA CYS A 393 29.41 -4.06 1.19
C CYS A 393 30.18 -5.02 2.15
N PRO A 394 31.27 -5.66 1.68
CA PRO A 394 32.02 -6.56 2.56
C PRO A 394 33.19 -5.82 3.26
N GLN A 395 33.20 -5.85 4.61
CA GLN A 395 34.19 -5.24 5.52
C GLN A 395 33.98 -3.72 5.80
N CYS A 396 32.93 -3.10 5.20
CA CYS A 396 32.66 -1.68 5.46
C CYS A 396 31.90 -1.52 6.79
N ASP A 397 30.95 -2.44 7.08
CA ASP A 397 30.13 -2.42 8.30
C ASP A 397 29.65 -3.83 8.69
N VAL A 398 29.56 -4.09 10.01
CA VAL A 398 29.11 -5.38 10.58
C VAL A 398 27.58 -5.48 10.49
N LEU A 399 27.03 -6.68 10.18
CA LEU A 399 25.57 -6.88 10.11
C LEU A 399 25.06 -7.44 11.45
N ALA A 400 25.28 -6.66 12.53
CA ALA A 400 24.88 -7.01 13.90
C ALA A 400 23.39 -6.85 14.10
N TYR A 401 22.83 -5.72 13.60
CA TYR A 401 21.40 -5.43 13.69
C TYR A 401 20.61 -6.25 12.65
N GLU A 402 20.56 -7.57 12.90
CA GLU A 402 19.84 -8.50 12.02
C GLU A 402 18.56 -8.98 12.76
N LYS A 403 18.63 -9.18 14.10
CA LYS A 403 17.49 -9.58 14.93
C LYS A 403 16.49 -8.41 15.11
N PHE A 404 16.99 -7.18 15.13
CA PHE A 404 16.20 -5.96 15.30
C PHE A 404 15.33 -5.66 14.06
N PHE A 405 15.92 -5.75 12.84
CA PHE A 405 15.20 -5.50 11.59
C PHE A 405 14.18 -6.62 11.28
N LEU A 406 14.41 -7.83 11.82
CA LEU A 406 13.52 -8.99 11.68
C LEU A 406 12.23 -8.73 12.48
N LEU A 407 12.36 -8.28 13.75
CA LEU A 407 11.23 -7.97 14.64
C LEU A 407 10.47 -6.74 14.16
N LEU A 408 11.19 -5.76 13.56
CA LEU A 408 10.63 -4.51 13.02
C LEU A 408 9.63 -4.80 11.89
N ALA A 409 9.94 -5.76 11.02
CA ALA A 409 9.08 -6.18 9.90
C ALA A 409 7.96 -7.10 10.39
N GLU A 410 8.20 -7.85 11.48
CA GLU A 410 7.23 -8.77 12.11
C GLU A 410 6.08 -7.99 12.76
N PHE A 411 6.40 -6.85 13.42
CA PHE A 411 5.44 -5.99 14.10
C PHE A 411 4.44 -5.35 13.12
N ASN A 412 4.84 -5.15 11.84
CA ASN A 412 4.00 -4.55 10.80
C ASN A 412 2.76 -5.40 10.50
N SER A 413 2.90 -6.74 10.59
CA SER A 413 1.82 -7.71 10.37
C SER A 413 0.72 -7.55 11.43
N ALA A 414 1.06 -6.92 12.58
CA ALA A 414 0.17 -6.61 13.70
C ALA A 414 -0.30 -5.14 13.65
N MET A 415 0.47 -4.27 12.97
CA MET A 415 0.20 -2.83 12.84
C MET A 415 -1.04 -2.53 11.99
N ASN A 416 -1.28 -3.33 10.92
CA ASN A 416 -2.41 -3.14 9.99
C ASN A 416 -3.79 -3.14 10.74
N PRO A 417 -4.18 -4.15 11.57
CA PRO A 417 -5.49 -4.05 12.25
C PRO A 417 -5.56 -2.90 13.27
N ILE A 418 -4.41 -2.43 13.76
CA ILE A 418 -4.31 -1.32 14.73
C ILE A 418 -4.62 -0.01 13.97
N ILE A 419 -4.16 0.11 12.71
CA ILE A 419 -4.39 1.28 11.84
C ILE A 419 -5.89 1.40 11.51
N TYR A 420 -6.53 0.29 11.09
CA TYR A 420 -7.96 0.27 10.76
C TYR A 420 -8.86 0.53 11.99
N SER A 421 -8.33 0.29 13.21
CA SER A 421 -9.07 0.45 14.47
C SER A 421 -9.31 1.93 14.84
N TYR A 422 -8.33 2.82 14.59
CA TYR A 422 -8.48 4.24 14.95
C TYR A 422 -8.84 5.11 13.72
N ARG A 423 -8.66 4.62 12.48
CA ARG A 423 -8.97 5.38 11.27
C ARG A 423 -10.40 5.12 10.78
N ASP A 424 -10.77 3.84 10.56
CA ASP A 424 -12.11 3.48 10.08
C ASP A 424 -13.11 3.54 11.22
N LYS A 425 -14.19 4.31 11.03
CA LYS A 425 -15.25 4.54 12.03
C LYS A 425 -16.19 3.34 12.13
N GLU A 426 -16.62 2.79 10.99
CA GLU A 426 -17.56 1.66 10.89
C GLU A 426 -16.91 0.35 11.37
N MET A 427 -15.61 0.14 11.05
CA MET A 427 -14.86 -1.07 11.40
C MET A 427 -14.59 -1.16 12.91
N SER A 428 -14.33 -0.01 13.58
CA SER A 428 -14.04 0.09 15.01
C SER A 428 -15.19 -0.45 15.88
N ALA A 429 -16.44 -0.24 15.45
CA ALA A 429 -17.64 -0.71 16.14
C ALA A 429 -17.92 -2.19 15.83
N THR A 430 -17.46 -2.69 14.67
CA THR A 430 -17.66 -4.08 14.22
C THR A 430 -16.79 -5.06 15.04
N PHE A 431 -15.56 -4.64 15.44
CA PHE A 431 -14.63 -5.47 16.23
C PHE A 431 -15.22 -5.86 17.59
N ARG A 432 -15.94 -4.92 18.24
CA ARG A 432 -16.58 -5.10 19.54
C ARG A 432 -17.79 -6.05 19.45
N GLN A 433 -18.47 -6.08 18.28
CA GLN A 433 -19.64 -6.92 18.03
C GLN A 433 -19.28 -8.41 18.02
N ILE A 434 -18.07 -8.76 17.51
CA ILE A 434 -17.57 -10.14 17.40
C ILE A 434 -17.20 -10.68 18.78
N LEU A 435 -16.52 -9.87 19.61
CA LEU A 435 -16.07 -10.21 20.97
C LEU A 435 -17.24 -10.50 21.93
N GLY A 436 -18.31 -9.71 21.81
CA GLY A 436 -19.50 -9.80 22.64
C GLY A 436 -20.45 -10.87 22.16
C30 ON9 B . 11.90 -11.95 2.91
C31 ON9 B . 15.46 -13.73 1.93
C28 ON9 B . 12.21 -10.86 7.30
C27 ON9 B . 14.80 -14.29 13.96
C29 ON9 B . 13.21 -11.30 3.27
C23 ON9 B . 17.05 -16.65 12.51
C24 ON9 B . 17.86 -17.89 12.07
C25 ON9 B . 19.35 -17.74 12.34
C26 ON9 B . 17.23 -13.75 13.83
C21 ON9 B . 17.42 -15.39 11.80
C1 ON9 B . 14.02 -11.99 4.33
O6 ON9 B . 13.60 -10.29 2.71
O5 ON9 B . 12.35 -11.49 6.05
C2 ON9 B . 13.59 -12.04 5.69
C20 ON9 B . 17.47 -14.07 12.41
C22 ON9 B . 17.81 -15.23 10.48
C3 ON9 B . 14.40 -12.65 6.69
O3 ON9 B . 16.02 -13.85 14.52
C6 ON9 B . 16.50 -13.69 7.53
O2 ON9 B . 18.12 -13.32 14.57
C5 ON9 B . 16.10 -13.18 5.03
C8 ON9 B . 17.20 -11.33 8.44
C7 ON9 B . 17.70 -12.72 7.95
C11 ON9 B . 15.96 -9.09 6.28
C4 ON9 B . 15.65 -13.19 6.36
O1 ON9 B . 19.90 -18.29 13.44
C9 ON9 B . 17.65 -10.04 7.72
C13 ON9 B . 16.94 -8.85 8.42
C10 ON9 B . 17.20 -9.91 6.23
C12 ON9 B . 15.75 -8.58 7.58
C17 ON9 B . 15.02 -8.85 5.27
O4 ON9 B . 16.95 -14.98 7.22
C16 ON9 B . 13.84 -8.12 5.58
C15 ON9 B . 13.61 -7.67 6.90
C14 ON9 B . 14.58 -7.89 7.91
C18 ON9 B . 18.68 -13.39 8.97
C19 ON9 B . 17.88 -13.18 11.40
O7 ON9 B . 15.74 -12.57 2.71
C ON9 B . 15.30 -12.59 4.02
N ON9 B . 18.10 -13.89 10.24
O ON9 B . 20.13 -17.14 11.61
C10 1WV C . 1.92 -24.98 0.92
C13 1WV C . 4.79 -23.46 1.14
C17 1WV C . 8.19 -23.66 0.67
C20 1WV C . 10.13 -25.27 0.51
C07 1WV C . -1.59 -26.05 2.34
C08 1WV C . -0.55 -25.25 1.53
C09 1WV C . 0.90 -25.75 1.77
C11 1WV C . 2.25 -23.57 1.45
C12 1WV C . 3.41 -22.90 0.68
C14 1WV C . 5.95 -22.77 0.45
O15 1WV C . 6.08 -21.57 0.25
O16 1WV C . 6.92 -23.67 0.04
C18 1WV C . 9.21 -24.31 -0.31
O19 1WV C . 10.08 -23.34 -0.84
O21 1WV C . 11.10 -25.86 -0.31
C1 1WV C . -1.86 -27.42 1.76
C2 1WV C . -2.84 -27.75 0.89
C3 1WV C . -3.87 -26.82 0.31
#